data_5MJO
#
_entry.id   5MJO
#
_cell.length_a   31.240
_cell.length_b   56.730
_cell.length_c   47.730
_cell.angle_alpha   90.00
_cell.angle_beta   104.72
_cell.angle_gamma   90.00
#
_symmetry.space_group_name_H-M   'P 1 21 1'
#
loop_
_entity.id
_entity.type
_entity.pdbx_description
1 polymer 'Protein Thf1'
2 non-polymer 'MERCURY (II) ION'
3 non-polymer 'IODIDE ION'
4 water water
#
_entity_poly.entity_id   1
_entity_poly.type   'polypeptide(L)'
_entity_poly.pdbx_seq_one_letter_code
;MRGSHHHHHHGLVPRGSMQNPRTVSDTKRAFYAAHTRPIHSIYRRFIEELLVEIHLLRVNVDFRYSPLFALGVVTAFDQF
MEGYQPEGDRDRIFHALCVAEEMNPQQLKEDAASWQQYQGRPLSQILDELNSGQPSAPLNSLNHTGKYSRLHAVGLYAFL
QELAGEVTIHLNETLDQLAPVIPLPIEKVKRDLELYRSNLDKINQARSLMKELVEQERKRRAQQTSAPPAVDASSDAPA
;
_entity_poly.pdbx_strand_id   A
#
loop_
_chem_comp.id
_chem_comp.type
_chem_comp.name
_chem_comp.formula
HG non-polymer 'MERCURY (II) ION' 'Hg 2'
IOD non-polymer 'IODIDE ION' 'I -1'
#
# COMPACT_ATOMS: atom_id res chain seq x y z
N PRO A 21 9.91 6.41 21.08
CA PRO A 21 8.95 5.28 21.20
C PRO A 21 7.47 5.74 21.39
N ARG A 22 6.78 5.95 20.26
CA ARG A 22 5.53 6.69 20.26
C ARG A 22 4.35 5.72 20.49
N THR A 23 3.17 6.32 20.65
CA THR A 23 1.95 5.64 20.98
C THR A 23 0.90 6.01 19.98
N VAL A 24 -0.18 5.23 19.94
CA VAL A 24 -1.33 5.55 19.05
C VAL A 24 -1.85 6.96 19.37
N SER A 25 -1.96 7.29 20.68
CA SER A 25 -2.45 8.63 21.08
C SER A 25 -1.58 9.73 20.58
N ASP A 26 -0.25 9.53 20.75
CA ASP A 26 0.76 10.51 20.27
C ASP A 26 0.64 10.74 18.73
N THR A 27 0.39 9.65 18.01
CA THR A 27 0.30 9.74 16.56
C THR A 27 -0.95 10.53 16.06
N LYS A 28 -2.10 10.17 16.60
CA LYS A 28 -3.35 10.89 16.36
C LYS A 28 -3.15 12.38 16.70
N ARG A 29 -2.48 12.65 17.82
CA ARG A 29 -2.23 14.04 18.26
C ARG A 29 -1.37 14.79 17.24
N ALA A 30 -0.31 14.13 16.75
CA ALA A 30 0.60 14.77 15.78
C ALA A 30 -0.16 15.07 14.46
N PHE A 31 -1.02 14.12 14.06
CA PHE A 31 -1.76 14.31 12.83
C PHE A 31 -2.76 15.52 12.91
N TYR A 32 -3.50 15.57 14.03
CA TYR A 32 -4.49 16.59 14.17
C TYR A 32 -3.87 17.96 14.47
N ALA A 33 -2.63 17.96 14.96
CA ALA A 33 -1.92 19.22 15.26
C ALA A 33 -1.42 19.75 13.99
N ALA A 34 -1.03 18.87 13.04
CA ALA A 34 -0.49 19.29 11.76
C ALA A 34 -1.57 19.74 10.78
N HIS A 35 -2.74 19.10 10.87
CA HIS A 35 -3.86 19.37 9.98
C HIS A 35 -5.07 19.71 10.83
N THR A 36 -5.24 21.03 11.01
CA THR A 36 -6.32 21.61 11.78
C THR A 36 -7.54 22.06 10.91
N ARG A 37 -7.60 21.74 9.63
CA ARG A 37 -8.77 22.03 8.78
C ARG A 37 -9.75 20.87 8.91
N PRO A 38 -11.06 21.16 8.77
CA PRO A 38 -12.13 20.14 8.87
C PRO A 38 -11.97 19.01 7.91
N ILE A 39 -12.18 17.77 8.39
CA ILE A 39 -12.19 16.56 7.51
C ILE A 39 -13.55 15.91 7.55
N HIS A 40 -14.19 15.78 6.37
CA HIS A 40 -15.56 15.36 6.33
C HIS A 40 -15.77 13.98 6.93
N SER A 41 -16.90 13.74 7.63
CA SER A 41 -17.24 12.47 8.22
C SER A 41 -17.22 11.29 7.28
N ILE A 42 -17.48 11.50 6.01
CA ILE A 42 -17.43 10.40 5.04
C ILE A 42 -16.03 9.77 4.98
N TYR A 43 -15.01 10.62 5.12
CA TYR A 43 -13.60 10.25 4.94
C TYR A 43 -12.82 10.04 6.24
N ARG A 44 -13.32 10.65 7.32
CA ARG A 44 -12.54 10.73 8.56
C ARG A 44 -12.23 9.32 9.18
N ARG A 45 -13.19 8.36 9.19
CA ARG A 45 -12.85 7.03 9.74
C ARG A 45 -11.76 6.27 8.97
N PHE A 46 -11.66 6.46 7.67
CA PHE A 46 -10.67 5.75 6.88
C PHE A 46 -9.32 6.27 7.27
N ILE A 47 -9.23 7.59 7.41
CA ILE A 47 -7.97 8.22 7.77
C ILE A 47 -7.50 7.77 9.17
N GLU A 48 -8.41 7.78 10.16
CA GLU A 48 -8.12 7.34 11.52
C GLU A 48 -7.66 5.90 11.52
N GLU A 49 -8.39 5.05 10.78
CA GLU A 49 -8.02 3.65 10.68
C GLU A 49 -6.60 3.42 10.12
N LEU A 50 -6.27 4.16 9.07
CA LEU A 50 -4.99 4.04 8.45
C LEU A 50 -3.91 4.57 9.42
N LEU A 51 -4.21 5.64 10.16
CA LEU A 51 -3.24 6.18 11.16
C LEU A 51 -2.89 5.05 12.17
N VAL A 52 -3.90 4.37 12.68
CA VAL A 52 -3.70 3.36 13.73
C VAL A 52 -2.91 2.17 13.13
N GLU A 53 -3.35 1.73 11.97
CA GLU A 53 -2.76 0.61 11.27
C GLU A 53 -1.27 0.80 11.05
N ILE A 54 -0.93 1.93 10.49
CA ILE A 54 0.48 2.15 10.22
C ILE A 54 1.28 2.27 11.50
N HIS A 55 0.69 2.90 12.50
CA HIS A 55 1.35 3.00 13.76
C HIS A 55 1.75 1.65 14.33
N LEU A 56 0.82 0.75 14.35
CA LEU A 56 1.02 -0.56 14.92
C LEU A 56 2.10 -1.35 14.16
N LEU A 57 2.18 -1.09 12.86
CA LEU A 57 3.21 -1.71 12.05
C LEU A 57 4.56 -1.13 12.38
N ARG A 58 4.58 0.20 12.43
CA ARG A 58 5.88 0.83 12.27
C ARG A 58 6.60 0.70 13.59
N VAL A 59 5.90 0.40 14.67
CA VAL A 59 6.59 0.10 15.95
C VAL A 59 6.86 -1.38 16.28
N ASN A 60 6.46 -2.25 15.38
CA ASN A 60 6.95 -3.62 15.43
C ASN A 60 8.40 -3.58 14.95
N VAL A 61 9.29 -4.12 15.77
CA VAL A 61 10.71 -4.01 15.42
C VAL A 61 11.11 -4.82 14.19
N ASP A 62 10.26 -5.74 13.75
CA ASP A 62 10.51 -6.54 12.53
C ASP A 62 9.89 -5.88 11.32
N PHE A 63 9.16 -4.76 11.49
CA PHE A 63 8.66 -4.05 10.31
C PHE A 63 9.82 -3.31 9.68
N ARG A 64 9.96 -3.43 8.38
CA ARG A 64 10.99 -2.66 7.66
C ARG A 64 10.36 -2.06 6.41
N TYR A 65 10.35 -0.74 6.40
CA TYR A 65 9.87 0.02 5.25
C TYR A 65 10.48 -0.45 3.96
N SER A 66 9.69 -0.47 2.87
CA SER A 66 10.23 -0.77 1.58
C SER A 66 9.31 -0.12 0.55
N PRO A 67 9.75 -0.06 -0.73
CA PRO A 67 8.82 0.55 -1.74
C PRO A 67 7.51 -0.18 -1.93
N LEU A 68 7.45 -1.46 -1.58
CA LEU A 68 6.22 -2.17 -1.67
C LEU A 68 5.19 -1.63 -0.67
N PHE A 69 5.65 -1.39 0.59
CA PHE A 69 4.86 -0.68 1.57
C PHE A 69 4.44 0.71 1.07
N ALA A 70 5.33 1.48 0.48
CA ALA A 70 4.97 2.79 -0.03
C ALA A 70 3.88 2.72 -1.07
N LEU A 71 4.02 1.79 -2.02
CA LEU A 71 3.02 1.68 -3.03
C LEU A 71 1.65 1.33 -2.39
N GLY A 72 1.64 0.42 -1.43
CA GLY A 72 0.44 0.11 -0.71
C GLY A 72 -0.28 1.19 -0.01
N VAL A 73 0.49 2.02 0.67
CA VAL A 73 -0.10 3.15 1.42
C VAL A 73 -0.66 4.16 0.41
N VAL A 74 0.10 4.48 -0.62
CA VAL A 74 -0.36 5.50 -1.64
C VAL A 74 -1.64 4.95 -2.31
N THR A 75 -1.60 3.66 -2.67
CA THR A 75 -2.77 3.03 -3.29
C THR A 75 -4.05 3.02 -2.43
N ALA A 76 -3.88 2.64 -1.17
CA ALA A 76 -5.03 2.57 -0.28
C ALA A 76 -5.54 3.96 -0.01
N PHE A 77 -4.65 4.94 0.21
CA PHE A 77 -5.06 6.31 0.48
C PHE A 77 -5.78 6.86 -0.75
N ASP A 78 -5.20 6.70 -1.91
CA ASP A 78 -5.78 7.28 -3.12
C ASP A 78 -7.17 6.66 -3.35
N GLN A 79 -7.31 5.37 -3.04
CA GLN A 79 -8.59 4.72 -3.31
C GLN A 79 -9.67 5.32 -2.39
N PHE A 80 -9.40 5.37 -1.10
CA PHE A 80 -10.47 5.89 -0.16
C PHE A 80 -10.66 7.38 -0.14
N MET A 81 -9.69 8.07 -0.66
CA MET A 81 -9.79 9.54 -0.76
CA MET A 81 -9.81 9.54 -0.75
C MET A 81 -10.41 10.00 -2.10
N GLU A 82 -10.84 9.04 -2.97
CA GLU A 82 -11.47 9.46 -4.22
C GLU A 82 -12.66 10.40 -3.89
N GLY A 83 -12.68 11.52 -4.57
CA GLY A 83 -13.84 12.48 -4.43
C GLY A 83 -13.68 13.47 -3.32
N TYR A 84 -12.61 13.30 -2.51
CA TYR A 84 -12.45 14.19 -1.38
C TYR A 84 -12.41 15.66 -1.72
N GLN A 85 -13.21 16.47 -1.00
CA GLN A 85 -13.17 17.93 -1.13
C GLN A 85 -13.05 18.56 0.19
N PRO A 86 -12.28 19.67 0.30
CA PRO A 86 -11.57 20.34 -0.81
C PRO A 86 -10.36 19.55 -1.27
N GLU A 87 -10.23 19.37 -2.60
CA GLU A 87 -9.23 18.43 -3.18
C GLU A 87 -7.83 18.88 -2.78
N GLY A 88 -7.65 20.20 -2.64
CA GLY A 88 -6.34 20.70 -2.25
C GLY A 88 -5.83 20.13 -0.94
N ASP A 89 -6.73 19.85 0.00
CA ASP A 89 -6.31 19.34 1.26
C ASP A 89 -5.88 17.84 1.24
N ARG A 90 -6.11 17.11 0.13
CA ARG A 90 -5.81 15.71 0.07
C ARG A 90 -4.32 15.55 0.31
N ASP A 91 -3.54 16.42 -0.32
CA ASP A 91 -2.06 16.43 -0.17
C ASP A 91 -1.61 16.87 1.20
N ARG A 92 -2.30 17.86 1.78
CA ARG A 92 -2.03 18.28 3.18
C ARG A 92 -2.31 17.16 4.14
N ILE A 93 -3.37 16.41 3.90
CA ILE A 93 -3.69 15.26 4.72
C ILE A 93 -2.67 14.14 4.59
N PHE A 94 -2.24 13.84 3.37
CA PHE A 94 -1.18 12.84 3.12
C PHE A 94 0.07 13.27 3.88
N HIS A 95 0.45 14.57 3.76
CA HIS A 95 1.68 15.06 4.40
C HIS A 95 1.60 14.89 5.91
N ALA A 96 0.48 15.28 6.50
CA ALA A 96 0.26 15.24 7.94
C ALA A 96 0.28 13.83 8.44
N LEU A 97 -0.33 12.92 7.64
CA LEU A 97 -0.34 11.57 8.07
C LEU A 97 1.06 10.95 8.05
N CYS A 98 1.80 11.23 7.01
CA CYS A 98 3.21 10.73 6.93
C CYS A 98 4.05 11.27 8.08
N VAL A 99 3.94 12.56 8.32
CA VAL A 99 4.79 13.13 9.37
C VAL A 99 4.37 12.59 10.73
N ALA A 100 3.06 12.35 10.96
CA ALA A 100 2.62 11.72 12.19
C ALA A 100 3.21 10.32 12.40
N GLU A 101 3.46 9.64 11.29
CA GLU A 101 4.03 8.27 11.36
C GLU A 101 5.58 8.29 11.23
N GLU A 102 6.22 9.46 11.30
CA GLU A 102 7.66 9.60 11.22
C GLU A 102 8.20 9.05 9.85
N MET A 103 7.44 9.39 8.81
CA MET A 103 7.82 9.10 7.44
C MET A 103 7.91 10.38 6.65
N ASN A 104 8.56 10.30 5.54
CA ASN A 104 8.71 11.45 4.66
C ASN A 104 7.77 11.30 3.48
N PRO A 105 6.77 12.14 3.34
CA PRO A 105 5.85 11.95 2.26
C PRO A 105 6.47 11.99 0.87
N GLN A 106 7.52 12.76 0.71
CA GLN A 106 8.20 12.80 -0.60
C GLN A 106 8.85 11.40 -0.91
N GLN A 107 9.44 10.75 0.12
CA GLN A 107 10.06 9.48 -0.05
C GLN A 107 8.97 8.47 -0.46
N LEU A 108 7.82 8.48 0.25
CA LEU A 108 6.72 7.51 -0.08
C LEU A 108 6.27 7.74 -1.53
N LYS A 109 6.10 9.02 -1.92
CA LYS A 109 5.65 9.28 -3.29
C LYS A 109 6.65 8.85 -4.37
N GLU A 110 7.96 9.14 -4.15
CA GLU A 110 9.03 8.66 -5.06
C GLU A 110 9.06 7.17 -5.17
N ASP A 111 9.01 6.51 -4.02
CA ASP A 111 9.00 5.08 -4.02
C ASP A 111 7.80 4.51 -4.77
N ALA A 112 6.61 5.06 -4.55
CA ALA A 112 5.43 4.62 -5.32
C ALA A 112 5.67 4.78 -6.82
N ALA A 113 6.20 5.93 -7.21
CA ALA A 113 6.42 6.30 -8.60
C ALA A 113 7.40 5.39 -9.30
N SER A 114 8.31 4.81 -8.48
CA SER A 114 9.39 3.98 -9.02
C SER A 114 8.86 2.68 -9.65
N TRP A 115 7.65 2.30 -9.27
CA TRP A 115 7.01 1.11 -9.88
C TRP A 115 6.48 1.34 -11.30
N GLN A 116 6.40 2.58 -11.75
CA GLN A 116 5.80 2.89 -13.06
C GLN A 116 6.58 2.30 -14.23
N GLN A 117 7.89 2.11 -14.01
CA GLN A 117 8.70 1.45 -15.02
C GLN A 117 8.20 0.07 -15.50
N TYR A 118 7.39 -0.62 -14.69
CA TYR A 118 6.91 -1.95 -15.12
C TYR A 118 5.61 -1.97 -15.88
N GLN A 119 5.03 -0.79 -16.14
CA GLN A 119 3.76 -0.68 -16.87
C GLN A 119 3.90 -1.40 -18.22
N GLY A 120 2.96 -2.30 -18.47
CA GLY A 120 2.89 -3.00 -19.71
C GLY A 120 3.75 -4.21 -19.88
N ARG A 121 4.52 -4.56 -18.85
CA ARG A 121 5.45 -5.71 -18.99
C ARG A 121 4.65 -6.99 -18.77
N PRO A 122 4.99 -8.10 -19.44
CA PRO A 122 4.29 -9.31 -19.18
C PRO A 122 4.73 -10.03 -17.92
N LEU A 123 3.82 -10.78 -17.37
CA LEU A 123 4.09 -11.52 -16.18
C LEU A 123 5.33 -12.44 -16.34
N SER A 124 5.47 -13.05 -17.49
CA SER A 124 6.70 -13.91 -17.79
C SER A 124 8.00 -13.18 -17.54
N GLN A 125 8.02 -11.91 -17.90
CA GLN A 125 9.25 -11.15 -17.71
C GLN A 125 9.54 -10.83 -16.25
N ILE A 126 8.50 -10.53 -15.52
CA ILE A 126 8.65 -10.28 -14.14
C ILE A 126 9.12 -11.53 -13.42
N LEU A 127 8.47 -12.66 -13.72
CA LEU A 127 8.88 -13.95 -13.10
C LEU A 127 10.37 -14.25 -13.48
N ASP A 128 10.79 -13.97 -14.72
CA ASP A 128 12.21 -14.19 -15.14
C ASP A 128 13.12 -13.32 -14.23
N GLU A 129 12.77 -12.04 -14.03
CA GLU A 129 13.60 -11.16 -13.23
C GLU A 129 13.69 -11.66 -11.81
N LEU A 130 12.56 -12.07 -11.25
CA LEU A 130 12.51 -12.57 -9.85
C LEU A 130 13.34 -13.87 -9.73
N ASN A 131 13.14 -14.81 -10.69
CA ASN A 131 13.92 -16.08 -10.72
C ASN A 131 15.37 -15.97 -10.99
N SER A 132 15.81 -14.86 -11.52
CA SER A 132 17.26 -14.65 -11.74
C SER A 132 17.97 -14.43 -10.40
N GLY A 133 17.24 -14.03 -9.34
CA GLY A 133 17.86 -13.68 -8.03
C GLY A 133 18.40 -12.27 -7.95
N GLN A 134 18.38 -11.58 -9.10
CA GLN A 134 18.89 -10.20 -9.20
C GLN A 134 17.82 -9.24 -9.83
N PRO A 135 16.61 -9.22 -9.25
CA PRO A 135 15.60 -8.29 -9.75
C PRO A 135 15.94 -6.82 -9.50
N SER A 136 15.56 -5.97 -10.45
CA SER A 136 15.69 -4.55 -10.34
C SER A 136 14.86 -4.04 -9.16
N ALA A 137 15.23 -2.82 -8.72
CA ALA A 137 14.46 -2.14 -7.69
C ALA A 137 13.40 -1.27 -8.44
N PRO A 138 12.16 -1.22 -7.90
CA PRO A 138 11.70 -1.74 -6.59
C PRO A 138 11.15 -3.18 -6.62
N LEU A 139 11.16 -3.84 -7.76
CA LEU A 139 10.63 -5.22 -7.83
C LEU A 139 11.30 -6.12 -6.79
N ASN A 140 12.58 -5.86 -6.49
CA ASN A 140 13.31 -6.63 -5.47
C ASN A 140 12.68 -6.62 -4.08
N SER A 141 11.85 -5.61 -3.80
N SER A 141 11.84 -5.63 -3.79
CA SER A 141 11.06 -5.44 -2.58
CA SER A 141 11.13 -5.49 -2.53
C SER A 141 10.21 -6.65 -2.29
C SER A 141 10.18 -6.64 -2.28
N LEU A 142 9.81 -7.36 -3.34
CA LEU A 142 9.03 -8.57 -3.14
C LEU A 142 9.76 -9.71 -2.37
N ASN A 143 11.09 -9.67 -2.35
CA ASN A 143 11.93 -10.65 -1.64
C ASN A 143 12.26 -10.39 -0.23
N HIS A 144 12.15 -9.18 0.14
CA HIS A 144 12.66 -8.79 1.36
C HIS A 144 11.61 -9.16 2.43
N THR A 145 12.19 -9.68 3.50
CA THR A 145 11.45 -10.27 4.58
C THR A 145 10.97 -9.11 5.50
N GLY A 146 10.41 -9.49 6.64
CA GLY A 146 10.00 -8.53 7.63
C GLY A 146 8.55 -8.77 7.89
N LYS A 147 8.08 -8.03 8.84
CA LYS A 147 6.68 -8.12 9.25
C LYS A 147 5.78 -7.80 8.11
N TYR A 148 4.85 -8.68 7.86
CA TYR A 148 3.89 -8.55 6.78
C TYR A 148 2.65 -7.75 7.27
N SER A 149 2.21 -6.88 6.39
CA SER A 149 1.01 -6.08 6.52
C SER A 149 0.10 -6.29 5.31
N ARG A 150 -1.21 -6.17 5.56
CA ARG A 150 -2.14 -6.05 4.45
C ARG A 150 -1.80 -4.95 3.47
N LEU A 151 -1.05 -3.94 3.86
CA LEU A 151 -0.61 -2.90 2.95
C LEU A 151 0.39 -3.39 1.91
N HIS A 152 1.17 -4.44 2.26
CA HIS A 152 1.97 -5.10 1.27
C HIS A 152 1.17 -5.77 0.17
N ALA A 153 0.09 -6.39 0.55
CA ALA A 153 -0.86 -7.03 -0.38
C ALA A 153 -1.44 -5.97 -1.32
N VAL A 154 -1.84 -4.81 -0.78
CA VAL A 154 -2.39 -3.73 -1.57
C VAL A 154 -1.37 -3.23 -2.54
N GLY A 155 -0.13 -3.09 -2.06
CA GLY A 155 0.94 -2.73 -2.98
C GLY A 155 1.19 -3.70 -4.16
N LEU A 156 1.19 -4.99 -3.79
CA LEU A 156 1.33 -6.06 -4.78
C LEU A 156 0.18 -6.00 -5.83
N TYR A 157 -1.02 -5.80 -5.33
CA TYR A 157 -2.18 -5.67 -6.19
C TYR A 157 -2.10 -4.50 -7.19
N ALA A 158 -1.62 -3.36 -6.74
CA ALA A 158 -1.33 -2.19 -7.62
C ALA A 158 -0.29 -2.48 -8.66
N PHE A 159 0.83 -3.15 -8.21
CA PHE A 159 1.87 -3.55 -9.18
C PHE A 159 1.29 -4.52 -10.25
N LEU A 160 0.55 -5.54 -9.86
CA LEU A 160 0.03 -6.51 -10.83
C LEU A 160 -0.90 -5.86 -11.82
N GLN A 161 -1.69 -4.86 -11.38
CA GLN A 161 -2.57 -4.12 -12.31
C GLN A 161 -1.81 -3.37 -13.37
N GLU A 162 -0.51 -3.10 -13.19
CA GLU A 162 0.26 -2.44 -14.24
C GLU A 162 0.69 -3.30 -15.39
N LEU A 163 0.69 -4.57 -15.12
CA LEU A 163 1.29 -5.54 -16.09
C LEU A 163 0.35 -5.72 -17.29
N ALA A 164 0.94 -6.23 -18.36
CA ALA A 164 0.15 -6.54 -19.55
C ALA A 164 -0.73 -7.77 -19.25
N GLY A 165 -1.87 -7.83 -19.94
CA GLY A 165 -2.69 -9.03 -19.90
C GLY A 165 -3.67 -9.22 -18.79
N GLU A 166 -4.03 -8.15 -18.09
CA GLU A 166 -5.13 -8.18 -17.10
C GLU A 166 -4.92 -9.33 -16.13
N VAL A 167 -3.82 -9.28 -15.45
CA VAL A 167 -3.42 -10.44 -14.62
C VAL A 167 -4.21 -10.60 -13.36
N THR A 168 -5.01 -9.59 -12.96
CA THR A 168 -5.83 -9.69 -11.77
C THR A 168 -7.29 -10.26 -12.04
N ILE A 169 -7.58 -10.57 -13.33
CA ILE A 169 -8.81 -11.27 -13.70
C ILE A 169 -8.87 -12.60 -12.91
N HIS A 170 -7.75 -13.32 -12.86
CA HIS A 170 -7.55 -14.50 -12.09
C HIS A 170 -6.40 -14.26 -11.10
N LEU A 171 -6.70 -13.43 -10.14
CA LEU A 171 -5.68 -12.92 -9.20
C LEU A 171 -5.04 -14.09 -8.43
N ASN A 172 -5.85 -14.98 -7.91
CA ASN A 172 -5.31 -16.07 -7.13
C ASN A 172 -4.34 -16.97 -7.92
N GLU A 173 -4.71 -17.20 -9.19
CA GLU A 173 -3.80 -17.98 -10.13
C GLU A 173 -2.49 -17.27 -10.30
N THR A 174 -2.53 -15.94 -10.47
CA THR A 174 -1.30 -15.15 -10.57
C THR A 174 -0.48 -15.21 -9.30
N LEU A 175 -1.15 -15.09 -8.15
CA LEU A 175 -0.47 -15.19 -6.87
C LEU A 175 0.16 -16.59 -6.64
N ASP A 176 -0.52 -17.66 -7.13
CA ASP A 176 0.07 -19.02 -7.02
C ASP A 176 1.38 -19.16 -7.85
N GLN A 177 1.55 -18.39 -8.95
CA GLN A 177 2.76 -18.38 -9.72
C GLN A 177 3.88 -17.72 -8.96
N LEU A 178 3.54 -16.75 -8.11
CA LEU A 178 4.56 -16.07 -7.29
C LEU A 178 4.99 -16.84 -6.04
N ALA A 179 4.12 -17.67 -5.55
CA ALA A 179 4.36 -18.40 -4.32
C ALA A 179 5.74 -19.13 -4.17
N PRO A 180 6.24 -19.85 -5.21
CA PRO A 180 7.49 -20.54 -5.05
C PRO A 180 8.72 -19.58 -5.16
N VAL A 181 8.45 -18.38 -5.66
CA VAL A 181 9.41 -17.42 -6.12
C VAL A 181 9.76 -16.36 -5.09
N ILE A 182 8.77 -15.93 -4.31
CA ILE A 182 8.93 -14.87 -3.32
C ILE A 182 8.50 -15.36 -1.96
N PRO A 183 9.16 -14.88 -0.86
CA PRO A 183 8.80 -15.35 0.48
C PRO A 183 7.63 -14.56 1.07
N LEU A 184 7.15 -13.52 0.37
CA LEU A 184 5.88 -12.87 0.80
C LEU A 184 4.83 -13.97 1.07
N PRO A 185 4.10 -13.91 2.18
CA PRO A 185 3.15 -14.99 2.53
C PRO A 185 1.88 -14.95 1.66
N ILE A 186 1.95 -15.71 0.57
CA ILE A 186 0.88 -15.66 -0.45
C ILE A 186 -0.53 -16.02 0.06
N GLU A 187 -0.68 -16.96 1.00
CA GLU A 187 -2.05 -17.28 1.54
C GLU A 187 -2.57 -16.06 2.28
N LYS A 188 -1.72 -15.35 3.01
CA LYS A 188 -2.17 -14.16 3.68
C LYS A 188 -2.56 -13.11 2.62
N VAL A 189 -1.73 -12.94 1.59
CA VAL A 189 -2.01 -12.03 0.50
C VAL A 189 -3.39 -12.30 -0.17
N LYS A 190 -3.61 -13.56 -0.56
CA LYS A 190 -4.84 -13.92 -1.20
C LYS A 190 -6.05 -13.53 -0.34
N ARG A 191 -5.96 -13.83 0.96
CA ARG A 191 -7.12 -13.47 1.84
C ARG A 191 -7.29 -11.96 2.09
N ASP A 192 -6.15 -11.28 2.21
CA ASP A 192 -6.18 -9.82 2.42
C ASP A 192 -6.77 -9.13 1.19
N LEU A 193 -6.50 -9.65 0.00
CA LEU A 193 -6.95 -9.00 -1.24
C LEU A 193 -8.43 -9.36 -1.48
N GLU A 194 -8.86 -10.55 -1.03
CA GLU A 194 -10.31 -10.94 -1.07
C GLU A 194 -11.12 -9.94 -0.19
N LEU A 195 -10.58 -9.62 1.01
CA LEU A 195 -11.24 -8.71 1.94
C LEU A 195 -11.20 -7.30 1.39
N TYR A 196 -10.01 -6.87 0.89
CA TYR A 196 -9.86 -5.56 0.30
C TYR A 196 -10.89 -5.34 -0.84
N ARG A 197 -10.90 -6.27 -1.81
CA ARG A 197 -11.81 -6.20 -2.95
C ARG A 197 -13.31 -6.23 -2.50
N SER A 198 -13.67 -7.11 -1.55
CA SER A 198 -15.04 -7.22 -1.00
CA SER A 198 -15.06 -7.22 -1.04
C SER A 198 -15.44 -5.88 -0.41
N ASN A 199 -14.55 -5.30 0.40
CA ASN A 199 -14.86 -4.04 1.07
C ASN A 199 -15.06 -2.94 0.06
N LEU A 200 -14.21 -2.90 -0.97
CA LEU A 200 -14.30 -1.84 -1.97
C LEU A 200 -15.53 -1.98 -2.87
N ASP A 201 -15.88 -3.20 -3.15
CA ASP A 201 -17.05 -3.47 -3.99
C ASP A 201 -18.29 -3.03 -3.27
N LYS A 202 -18.37 -3.30 -1.95
CA LYS A 202 -19.48 -2.78 -1.15
C LYS A 202 -19.57 -1.26 -1.11
N ILE A 203 -18.48 -0.62 -0.83
CA ILE A 203 -18.42 0.84 -0.71
C ILE A 203 -18.82 1.46 -2.05
N ASN A 204 -18.29 0.90 -3.13
CA ASN A 204 -18.58 1.41 -4.47
C ASN A 204 -20.05 1.27 -4.90
N GLN A 205 -20.79 0.27 -4.40
CA GLN A 205 -22.17 0.09 -4.86
C GLN A 205 -23.18 0.66 -3.90
N ALA A 206 -22.78 1.13 -2.72
CA ALA A 206 -23.61 1.91 -1.86
C ALA A 206 -23.70 3.40 -2.39
HG HG B . 1.39 9.44 4.22
I IOD C . 2.92 6.70 6.19
I IOD D . -0.65 8.42 4.17
#